data_6ZJ4
#
_entry.id   6ZJ4
#
_cell.length_a   61.519
_cell.length_b   68.776
_cell.length_c   112.200
_cell.angle_alpha   90.000
_cell.angle_beta   90.000
_cell.angle_gamma   90.000
#
_symmetry.space_group_name_H-M   'P 21 21 21'
#
loop_
_entity.id
_entity.type
_entity.pdbx_description
1 polymer 'Trehalose phosphorylase/synthase'
2 non-polymer 'THIOCYANATE ION'
3 water water
#
_entity_poly.entity_id   1
_entity_poly.type   'polypeptide(L)'
_entity_poly.pdbx_seq_one_letter_code
;MIERYVEFVGEHEIDAIFKYAEKLKDLSILHVNSTAAGGGVAEILHRLVPLMRELGLNAEWKVIRGSQDFFTVTKSFHNA
LQTGKGEIPDEYFKIYDEWQEINAGEIPLDYDVVFIHDPQPAGLVKYRKKGTWIWRCHIDISNPHPKVWGFLRGYISKYD
GMIVSIPEFARDDLDIPQIAIPPSIDPLSPKNMPLPQTTVDRIVDKFGVDRERPIILQVSRYDRAKDPVGVIESFRLAKR
HVPDAQLVYLGSPATDDPEGEVVYRETVEAARGEKDVHLLMLPPNSHVEVNAFQRAATVVMQKSIKEGFGLTVSEALWKR
KPVIGGNTGGIRIQVINGVTGFLVDSPKAAAYYLVYLLKNKKVREEMGEAGRDHVRRNFLITQQLRRYLMAILYLTKRHA
;
_entity_poly.pdbx_strand_id   AAA
#
loop_
_chem_comp.id
_chem_comp.type
_chem_comp.name
_chem_comp.formula
SCN non-polymer 'THIOCYANATE ION' 'C N S -1'
#
# COMPACT_ATOMS: atom_id res chain seq x y z
N MET A 1 12.28 16.20 -8.40
CA MET A 1 13.76 16.42 -8.20
C MET A 1 14.08 16.39 -6.71
N ILE A 2 15.27 15.87 -6.37
CA ILE A 2 15.68 15.52 -4.97
C ILE A 2 15.78 16.81 -4.14
N GLU A 3 16.24 17.91 -4.72
CA GLU A 3 16.37 19.23 -4.04
C GLU A 3 15.02 19.67 -3.48
N ARG A 4 13.94 19.52 -4.26
CA ARG A 4 12.56 19.95 -3.88
C ARG A 4 12.14 19.27 -2.56
N TYR A 5 12.83 18.22 -2.10
CA TYR A 5 12.46 17.48 -0.87
C TYR A 5 13.06 18.10 0.39
N VAL A 6 14.05 18.98 0.24
CA VAL A 6 14.81 19.59 1.38
C VAL A 6 13.82 20.26 2.33
N GLU A 7 12.82 20.98 1.80
CA GLU A 7 11.83 21.72 2.61
C GLU A 7 11.04 20.76 3.52
N PHE A 8 10.98 19.46 3.19
CA PHE A 8 10.24 18.44 3.97
C PHE A 8 11.16 17.74 4.96
N VAL A 9 12.37 17.34 4.53
CA VAL A 9 13.25 16.44 5.34
C VAL A 9 14.58 17.10 5.73
N GLY A 10 15.02 18.14 5.02
CA GLY A 10 16.29 18.83 5.34
C GLY A 10 17.48 18.20 4.62
N GLU A 11 18.59 18.94 4.53
CA GLU A 11 19.78 18.63 3.69
C GLU A 11 20.49 17.36 4.19
N HIS A 12 20.43 17.03 5.48
CA HIS A 12 21.24 15.92 6.04
C HIS A 12 20.85 14.61 5.33
N GLU A 13 19.55 14.28 5.33
CA GLU A 13 19.01 13.04 4.71
C GLU A 13 19.33 13.05 3.21
N ILE A 14 19.24 14.20 2.55
CA ILE A 14 19.47 14.34 1.08
C ILE A 14 20.96 14.08 0.79
N ASP A 15 21.87 14.65 1.58
CA ASP A 15 23.33 14.47 1.37
C ASP A 15 23.68 12.98 1.53
N ALA A 16 23.09 12.33 2.54
CA ALA A 16 23.30 10.91 2.86
C ALA A 16 22.82 10.06 1.69
N ILE A 17 21.69 10.42 1.09
CA ILE A 17 21.12 9.70 -0.10
C ILE A 17 22.17 9.71 -1.22
N PHE A 18 22.69 10.89 -1.57
CA PHE A 18 23.70 11.10 -2.65
C PHE A 18 24.96 10.31 -2.35
N LYS A 19 25.38 10.32 -1.08
CA LYS A 19 26.56 9.60 -0.55
C LYS A 19 26.41 8.09 -0.80
N TYR A 20 25.27 7.52 -0.41
CA TYR A 20 24.93 6.08 -0.62
C TYR A 20 24.90 5.78 -2.12
N ALA A 21 24.27 6.63 -2.92
CA ALA A 21 24.06 6.45 -4.38
C ALA A 21 25.40 6.49 -5.12
N GLU A 22 26.36 7.26 -4.60
CA GLU A 22 27.74 7.33 -5.13
C GLU A 22 28.36 5.93 -5.08
N LYS A 23 28.19 5.21 -3.97
CA LYS A 23 28.77 3.86 -3.75
C LYS A 23 28.07 2.82 -4.61
N LEU A 24 26.94 3.16 -5.23
CA LEU A 24 26.13 2.18 -6.01
C LEU A 24 26.12 2.50 -7.51
N LYS A 25 26.75 3.59 -7.94
CA LYS A 25 26.60 4.17 -9.31
C LYS A 25 26.94 3.12 -10.39
N ASP A 26 27.73 2.09 -10.09
CA ASP A 26 28.23 1.10 -11.09
C ASP A 26 27.37 -0.17 -11.10
N LEU A 27 26.31 -0.25 -10.29
CA LEU A 27 25.45 -1.47 -10.16
C LEU A 27 24.26 -1.37 -11.13
N SER A 28 23.91 -2.49 -11.77
CA SER A 28 22.65 -2.62 -12.54
C SER A 28 21.58 -3.22 -11.62
N ILE A 29 20.40 -2.58 -11.54
CA ILE A 29 19.27 -2.95 -10.64
C ILE A 29 18.01 -3.19 -11.48
N LEU A 30 17.38 -4.35 -11.31
CA LEU A 30 16.07 -4.70 -11.91
C LEU A 30 15.04 -4.81 -10.78
N HIS A 31 13.90 -4.12 -10.92
CA HIS A 31 12.66 -4.31 -10.14
C HIS A 31 11.65 -5.11 -10.99
N VAL A 32 11.05 -6.15 -10.42
CA VAL A 32 9.93 -6.88 -11.08
C VAL A 32 8.72 -6.92 -10.16
N ASN A 33 7.55 -6.59 -10.69
CA ASN A 33 6.24 -6.83 -10.04
C ASN A 33 5.25 -7.31 -11.11
N SER A 34 3.97 -7.42 -10.77
CA SER A 34 2.88 -8.00 -11.60
C SER A 34 1.86 -6.94 -12.07
N THR A 35 2.07 -5.63 -11.87
CA THR A 35 1.16 -4.58 -12.44
C THR A 35 1.83 -3.20 -12.48
N ALA A 36 1.57 -2.43 -13.54
CA ALA A 36 2.07 -1.04 -13.75
C ALA A 36 0.96 -0.03 -13.44
N ALA A 37 -0.24 -0.48 -13.05
CA ALA A 37 -1.43 0.37 -12.82
C ALA A 37 -2.08 -0.02 -11.49
N GLY A 38 -2.38 0.98 -10.64
CA GLY A 38 -3.06 0.82 -9.34
C GLY A 38 -2.31 -0.11 -8.39
N GLY A 39 -2.73 -0.13 -7.13
CA GLY A 39 -2.06 -0.89 -6.05
C GLY A 39 -0.87 -0.12 -5.52
N GLY A 40 -0.54 -0.35 -4.25
CA GLY A 40 0.59 0.24 -3.51
C GLY A 40 1.93 0.03 -4.19
N VAL A 41 2.20 -1.16 -4.73
CA VAL A 41 3.56 -1.47 -5.29
C VAL A 41 3.81 -0.60 -6.54
N ALA A 42 2.89 -0.60 -7.51
CA ALA A 42 3.01 0.18 -8.76
C ALA A 42 3.20 1.67 -8.44
N GLU A 43 2.43 2.17 -7.49
CA GLU A 43 2.42 3.59 -7.06
C GLU A 43 3.77 3.97 -6.42
N ILE A 44 4.37 3.10 -5.62
CA ILE A 44 5.76 3.30 -5.09
C ILE A 44 6.73 3.28 -6.28
N LEU A 45 6.70 2.25 -7.12
CA LEU A 45 7.73 2.07 -8.16
C LEU A 45 7.68 3.23 -9.14
N HIS A 46 6.49 3.75 -9.46
CA HIS A 46 6.29 4.88 -10.41
C HIS A 46 7.02 6.13 -9.89
N ARG A 47 7.16 6.29 -8.58
CA ARG A 47 7.87 7.43 -7.96
C ARG A 47 9.32 7.04 -7.62
N LEU A 48 9.56 5.82 -7.16
CA LEU A 48 10.88 5.41 -6.60
C LEU A 48 11.89 5.17 -7.72
N VAL A 49 11.52 4.50 -8.79
CA VAL A 49 12.44 4.16 -9.90
C VAL A 49 12.94 5.42 -10.60
N PRO A 50 12.08 6.40 -10.99
CA PRO A 50 12.57 7.67 -11.52
C PRO A 50 13.56 8.42 -10.61
N LEU A 51 13.40 8.35 -9.29
CA LEU A 51 14.31 9.03 -8.34
C LEU A 51 15.66 8.31 -8.36
N MET A 52 15.64 6.99 -8.35
CA MET A 52 16.88 6.18 -8.52
C MET A 52 17.67 6.63 -9.76
N ARG A 53 17.02 6.84 -10.91
CA ARG A 53 17.75 7.15 -12.17
CA ARG A 53 17.72 7.17 -12.19
C ARG A 53 18.32 8.58 -12.08
N GLU A 54 17.60 9.50 -11.46
CA GLU A 54 18.02 10.90 -11.23
C GLU A 54 19.29 10.94 -10.35
N LEU A 55 19.38 10.07 -9.34
CA LEU A 55 20.62 9.85 -8.53
C LEU A 55 21.72 9.20 -9.37
N GLY A 56 21.46 8.86 -10.64
CA GLY A 56 22.45 8.27 -11.56
C GLY A 56 22.62 6.78 -11.37
N LEU A 57 21.62 6.09 -10.81
CA LEU A 57 21.61 4.61 -10.74
C LEU A 57 21.01 4.05 -12.03
N ASN A 58 21.59 2.96 -12.52
CA ASN A 58 21.05 2.14 -13.63
C ASN A 58 20.00 1.19 -13.04
N ALA A 59 18.75 1.64 -12.97
CA ALA A 59 17.62 0.89 -12.38
C ALA A 59 16.51 0.75 -13.42
N GLU A 60 16.06 -0.48 -13.65
CA GLU A 60 14.98 -0.80 -14.61
CA GLU A 60 14.99 -0.82 -14.62
C GLU A 60 13.84 -1.52 -13.88
N TRP A 61 12.63 -1.34 -14.37
CA TRP A 61 11.39 -1.89 -13.79
C TRP A 61 10.63 -2.63 -14.89
N LYS A 62 10.48 -3.95 -14.77
CA LYS A 62 9.71 -4.80 -15.70
C LYS A 62 8.52 -5.39 -14.94
N VAL A 63 7.42 -5.59 -15.65
CA VAL A 63 6.15 -6.15 -15.12
C VAL A 63 5.93 -7.51 -15.80
N ILE A 64 5.64 -8.55 -15.01
CA ILE A 64 5.32 -9.88 -15.59
C ILE A 64 3.98 -9.78 -16.33
N ARG A 65 3.75 -10.75 -17.20
CA ARG A 65 2.43 -10.98 -17.86
C ARG A 65 1.87 -12.30 -17.32
N GLY A 66 0.58 -12.51 -17.48
CA GLY A 66 -0.09 -13.77 -17.11
C GLY A 66 -1.47 -13.86 -17.74
N SER A 67 -2.01 -15.08 -17.82
CA SER A 67 -3.42 -15.32 -18.20
C SER A 67 -4.32 -14.82 -17.07
N GLN A 68 -5.64 -14.86 -17.26
CA GLN A 68 -6.60 -14.54 -16.18
C GLN A 68 -6.59 -15.73 -15.20
N ASP A 69 -6.33 -16.94 -15.68
CA ASP A 69 -6.05 -18.13 -14.82
C ASP A 69 -4.90 -17.82 -13.86
N PHE A 70 -3.79 -17.27 -14.37
CA PHE A 70 -2.58 -16.97 -13.56
C PHE A 70 -2.95 -16.03 -12.41
N PHE A 71 -3.72 -14.97 -12.67
CA PHE A 71 -4.07 -13.96 -11.64
C PHE A 71 -5.11 -14.53 -10.66
N THR A 72 -5.93 -15.52 -11.06
CA THR A 72 -6.82 -16.26 -10.13
C THR A 72 -5.95 -16.99 -9.11
N VAL A 73 -4.89 -17.65 -9.58
CA VAL A 73 -3.97 -18.43 -8.71
C VAL A 73 -3.28 -17.46 -7.73
N THR A 74 -2.76 -16.33 -8.20
CA THR A 74 -1.91 -15.40 -7.40
C THR A 74 -2.80 -14.67 -6.37
N LYS A 75 -4.00 -14.23 -6.77
CA LYS A 75 -5.02 -13.66 -5.85
C LYS A 75 -5.43 -14.69 -4.79
N SER A 76 -5.52 -15.99 -5.12
CA SER A 76 -5.85 -17.04 -4.11
CA SER A 76 -5.85 -17.06 -4.13
C SER A 76 -4.67 -17.22 -3.16
N PHE A 77 -3.45 -17.15 -3.67
CA PHE A 77 -2.19 -17.20 -2.89
C PHE A 77 -2.13 -16.01 -1.91
N HIS A 78 -2.35 -14.79 -2.43
CA HIS A 78 -2.38 -13.51 -1.68
C HIS A 78 -3.31 -13.67 -0.46
N ASN A 79 -4.57 -14.05 -0.71
CA ASN A 79 -5.62 -14.21 0.33
C ASN A 79 -5.23 -15.33 1.30
N ALA A 80 -4.70 -16.44 0.78
CA ALA A 80 -4.19 -17.55 1.61
C ALA A 80 -3.12 -17.06 2.57
N LEU A 81 -2.08 -16.40 2.03
CA LEU A 81 -0.95 -15.92 2.86
C LEU A 81 -1.48 -14.95 3.92
N GLN A 82 -2.42 -14.06 3.60
CA GLN A 82 -2.88 -13.01 4.55
C GLN A 82 -3.89 -13.56 5.57
N THR A 83 -4.80 -14.47 5.18
CA THR A 83 -5.90 -14.98 6.05
C THR A 83 -5.51 -16.27 6.80
N GLY A 84 -4.60 -17.08 6.25
CA GLY A 84 -4.19 -18.38 6.84
C GLY A 84 -5.09 -19.51 6.36
N LYS A 85 -6.07 -19.18 5.51
CA LYS A 85 -7.25 -20.02 5.16
C LYS A 85 -7.37 -20.17 3.64
N GLY A 86 -8.12 -21.18 3.20
CA GLY A 86 -8.50 -21.35 1.79
C GLY A 86 -8.25 -22.77 1.34
N GLU A 87 -8.91 -23.16 0.26
CA GLU A 87 -8.71 -24.49 -0.39
C GLU A 87 -7.99 -24.24 -1.72
N ILE A 88 -6.76 -24.73 -1.82
CA ILE A 88 -5.86 -24.47 -2.99
C ILE A 88 -5.69 -25.78 -3.77
N PRO A 89 -6.27 -25.89 -4.99
CA PRO A 89 -6.00 -27.01 -5.89
C PRO A 89 -4.51 -27.09 -6.28
N ASP A 90 -3.98 -28.31 -6.34
CA ASP A 90 -2.56 -28.60 -6.71
C ASP A 90 -2.27 -28.09 -8.11
N GLU A 91 -3.27 -28.03 -8.99
CA GLU A 91 -3.19 -27.39 -10.33
C GLU A 91 -2.63 -25.94 -10.21
N TYR A 92 -2.96 -25.21 -9.15
CA TYR A 92 -2.56 -23.79 -8.93
C TYR A 92 -1.03 -23.64 -8.96
N PHE A 93 -0.33 -24.59 -8.31
CA PHE A 93 1.15 -24.66 -8.25
C PHE A 93 1.73 -24.83 -9.67
N LYS A 94 1.11 -25.70 -10.48
CA LYS A 94 1.57 -25.96 -11.85
C LYS A 94 1.43 -24.66 -12.66
N ILE A 95 0.23 -24.06 -12.70
CA ILE A 95 -0.05 -22.80 -13.47
C ILE A 95 0.97 -21.73 -13.04
N TYR A 96 1.18 -21.54 -11.73
CA TYR A 96 2.16 -20.55 -11.21
C TYR A 96 3.52 -20.79 -11.88
N ASP A 97 4.05 -22.01 -11.76
CA ASP A 97 5.40 -22.38 -12.27
C ASP A 97 5.49 -22.12 -13.78
N GLU A 98 4.46 -22.50 -14.55
CA GLU A 98 4.50 -22.35 -16.03
C GLU A 98 4.80 -20.88 -16.34
N TRP A 99 4.07 -19.96 -15.68
CA TRP A 99 4.14 -18.51 -15.99
C TRP A 99 5.43 -17.89 -15.44
N GLN A 100 6.03 -18.48 -14.41
CA GLN A 100 7.43 -18.15 -14.03
C GLN A 100 8.34 -18.43 -15.24
N GLU A 101 8.20 -19.58 -15.92
CA GLU A 101 9.09 -19.92 -17.08
C GLU A 101 8.83 -18.97 -18.25
N ILE A 102 7.58 -18.86 -18.69
CA ILE A 102 7.19 -17.92 -19.78
C ILE A 102 7.84 -16.55 -19.48
N ASN A 103 7.75 -16.11 -18.23
CA ASN A 103 8.19 -14.75 -17.79
C ASN A 103 9.72 -14.70 -17.78
N ALA A 104 10.41 -15.74 -17.30
CA ALA A 104 11.89 -15.85 -17.29
C ALA A 104 12.46 -15.66 -18.72
N GLY A 105 11.90 -16.38 -19.72
CA GLY A 105 12.31 -16.31 -21.14
C GLY A 105 12.16 -14.89 -21.71
N GLU A 106 11.20 -14.12 -21.21
CA GLU A 106 10.79 -12.82 -21.81
C GLU A 106 11.43 -11.65 -21.04
N ILE A 107 12.17 -11.97 -19.98
CA ILE A 107 12.71 -10.97 -19.00
C ILE A 107 14.17 -11.35 -18.74
N PRO A 108 15.11 -10.53 -19.23
CA PRO A 108 16.53 -10.74 -18.97
C PRO A 108 16.78 -10.43 -17.48
N LEU A 109 17.48 -11.34 -16.79
CA LEU A 109 17.63 -11.32 -15.32
C LEU A 109 19.10 -11.09 -14.93
N ASP A 110 19.99 -10.85 -15.90
CA ASP A 110 21.44 -10.63 -15.69
C ASP A 110 21.67 -9.21 -15.16
N TYR A 111 21.34 -8.99 -13.89
CA TYR A 111 21.56 -7.69 -13.19
C TYR A 111 22.41 -7.94 -11.95
N ASP A 112 23.11 -6.92 -11.46
CA ASP A 112 23.89 -7.00 -10.20
C ASP A 112 22.88 -7.18 -9.05
N VAL A 113 21.75 -6.46 -9.11
CA VAL A 113 20.70 -6.51 -8.06
C VAL A 113 19.35 -6.76 -8.72
N VAL A 114 18.65 -7.79 -8.26
CA VAL A 114 17.23 -8.10 -8.61
C VAL A 114 16.32 -7.99 -7.37
N PHE A 115 15.37 -7.05 -7.43
CA PHE A 115 14.20 -6.91 -6.54
C PHE A 115 12.96 -7.54 -7.19
N ILE A 116 12.49 -8.61 -6.55
CA ILE A 116 11.20 -9.24 -6.88
C ILE A 116 10.17 -8.74 -5.86
N HIS A 117 9.11 -8.08 -6.33
CA HIS A 117 8.01 -7.58 -5.47
C HIS A 117 6.88 -8.62 -5.41
N ASP A 118 6.57 -9.09 -4.19
CA ASP A 118 5.33 -9.83 -3.82
C ASP A 118 5.42 -11.23 -4.40
N PRO A 119 4.44 -12.12 -4.09
CA PRO A 119 4.54 -13.54 -4.44
C PRO A 119 4.45 -13.84 -5.94
N GLN A 120 3.80 -12.99 -6.71
CA GLN A 120 3.48 -13.30 -8.14
C GLN A 120 4.75 -13.63 -8.92
N PRO A 121 5.86 -12.84 -8.89
CA PRO A 121 7.08 -13.19 -9.64
C PRO A 121 8.18 -13.89 -8.84
N ALA A 122 7.84 -14.41 -7.66
CA ALA A 122 8.79 -14.92 -6.66
C ALA A 122 9.53 -16.14 -7.23
N GLY A 123 8.84 -16.90 -8.08
CA GLY A 123 9.36 -18.11 -8.74
C GLY A 123 10.46 -17.83 -9.75
N LEU A 124 10.67 -16.57 -10.15
CA LEU A 124 11.72 -16.20 -11.13
C LEU A 124 13.09 -16.55 -10.57
N VAL A 125 13.22 -16.69 -9.25
CA VAL A 125 14.53 -16.96 -8.58
C VAL A 125 15.09 -18.32 -9.04
N LYS A 126 14.25 -19.21 -9.57
CA LYS A 126 14.67 -20.51 -10.16
C LYS A 126 15.55 -20.26 -11.39
N TYR A 127 15.38 -19.14 -12.10
CA TYR A 127 16.15 -18.75 -13.31
C TYR A 127 17.19 -17.68 -12.98
N ARG A 128 17.49 -17.47 -11.71
CA ARG A 128 18.56 -16.52 -11.29
C ARG A 128 19.88 -16.98 -11.91
N LYS A 129 20.69 -16.03 -12.40
CA LYS A 129 22.17 -16.18 -12.60
C LYS A 129 22.82 -15.76 -11.28
N LYS A 130 23.83 -14.89 -11.28
CA LYS A 130 24.53 -14.52 -10.02
C LYS A 130 23.86 -13.27 -9.45
N GLY A 131 24.64 -12.25 -9.08
CA GLY A 131 24.16 -11.00 -8.45
C GLY A 131 23.47 -11.21 -7.11
N THR A 132 22.83 -10.15 -6.60
CA THR A 132 22.13 -10.14 -5.29
C THR A 132 20.63 -10.16 -5.55
N TRP A 133 19.91 -11.19 -5.10
CA TRP A 133 18.43 -11.30 -5.22
C TRP A 133 17.75 -10.93 -3.88
N ILE A 134 16.84 -9.97 -3.92
CA ILE A 134 16.07 -9.43 -2.75
C ILE A 134 14.58 -9.65 -3.01
N TRP A 135 13.91 -10.40 -2.12
CA TRP A 135 12.43 -10.54 -2.14
C TRP A 135 11.82 -9.38 -1.35
N ARG A 136 11.05 -8.51 -2.01
CA ARG A 136 10.38 -7.38 -1.35
C ARG A 136 8.93 -7.82 -1.12
N CYS A 137 8.60 -8.11 0.12
CA CYS A 137 7.25 -8.53 0.55
C CYS A 137 6.45 -7.32 1.01
N HIS A 138 5.31 -7.03 0.37
CA HIS A 138 4.42 -5.91 0.74
C HIS A 138 3.16 -6.40 1.48
N ILE A 139 3.04 -7.71 1.75
CA ILE A 139 1.79 -8.28 2.32
C ILE A 139 2.06 -8.79 3.73
N ASP A 140 0.99 -9.17 4.43
CA ASP A 140 1.04 -9.75 5.79
C ASP A 140 1.32 -11.24 5.65
N ILE A 141 2.52 -11.69 6.01
CA ILE A 141 2.93 -13.12 6.01
C ILE A 141 3.16 -13.59 7.45
N SER A 142 2.57 -12.93 8.46
CA SER A 142 2.77 -13.29 9.89
C SER A 142 2.14 -14.66 10.20
N ASN A 143 1.00 -14.98 9.57
CA ASN A 143 0.22 -16.21 9.89
C ASN A 143 -0.38 -16.77 8.61
N PRO A 144 0.45 -17.37 7.73
CA PRO A 144 0.01 -17.76 6.40
C PRO A 144 -0.55 -19.19 6.31
N HIS A 145 -1.39 -19.43 5.30
CA HIS A 145 -1.82 -20.78 4.85
C HIS A 145 -0.59 -21.66 4.65
N PRO A 146 -0.36 -22.73 5.47
CA PRO A 146 0.95 -23.35 5.56
C PRO A 146 1.43 -24.00 4.26
N LYS A 147 0.52 -24.40 3.37
CA LYS A 147 0.89 -25.07 2.10
C LYS A 147 1.37 -24.02 1.10
N VAL A 148 0.62 -22.91 0.94
CA VAL A 148 0.98 -21.81 0.01
C VAL A 148 2.29 -21.20 0.53
N TRP A 149 2.42 -21.05 1.86
CA TRP A 149 3.68 -20.54 2.48
C TRP A 149 4.83 -21.52 2.22
N GLY A 150 4.66 -22.80 2.53
CA GLY A 150 5.70 -23.84 2.33
C GLY A 150 6.19 -23.86 0.89
N PHE A 151 5.28 -23.72 -0.09
CA PHE A 151 5.62 -23.63 -1.54
C PHE A 151 6.46 -22.37 -1.80
N LEU A 152 5.94 -21.22 -1.36
CA LEU A 152 6.56 -19.88 -1.58
C LEU A 152 7.89 -19.79 -0.82
N ARG A 153 7.99 -20.34 0.39
CA ARG A 153 9.25 -20.40 1.17
C ARG A 153 10.33 -21.20 0.41
N GLY A 154 9.92 -22.17 -0.42
CA GLY A 154 10.86 -22.91 -1.27
C GLY A 154 11.73 -21.97 -2.08
N TYR A 155 11.09 -20.93 -2.64
CA TYR A 155 11.69 -19.91 -3.54
C TYR A 155 12.40 -18.82 -2.73
N ILE A 156 11.74 -18.35 -1.66
CA ILE A 156 12.25 -17.26 -0.79
C ILE A 156 13.61 -17.66 -0.18
N SER A 157 13.79 -18.94 0.19
CA SER A 157 15.06 -19.49 0.76
C SER A 157 16.23 -19.34 -0.21
N LYS A 158 15.97 -19.13 -1.52
CA LYS A 158 17.03 -19.08 -2.58
C LYS A 158 17.50 -17.64 -2.80
N TYR A 159 16.80 -16.64 -2.25
CA TYR A 159 17.15 -15.20 -2.37
C TYR A 159 18.31 -14.91 -1.40
N ASP A 160 19.02 -13.81 -1.60
CA ASP A 160 20.11 -13.34 -0.71
C ASP A 160 19.54 -12.48 0.43
N GLY A 161 18.38 -11.87 0.25
CA GLY A 161 17.76 -11.03 1.29
C GLY A 161 16.28 -10.82 1.06
N MET A 162 15.63 -10.26 2.06
CA MET A 162 14.16 -10.13 2.07
C MET A 162 13.81 -8.85 2.77
N ILE A 163 12.93 -8.06 2.18
CA ILE A 163 12.43 -6.80 2.80
C ILE A 163 10.95 -7.01 3.12
N VAL A 164 10.58 -6.75 4.37
CA VAL A 164 9.18 -6.70 4.85
C VAL A 164 8.87 -5.26 5.27
N SER A 165 7.58 -4.91 5.34
CA SER A 165 7.10 -3.54 5.59
C SER A 165 7.27 -3.17 7.06
N ILE A 166 7.04 -4.13 7.97
CA ILE A 166 7.25 -3.94 9.43
C ILE A 166 7.96 -5.17 9.97
N PRO A 167 8.63 -5.06 11.14
CA PRO A 167 9.38 -6.17 11.73
C PRO A 167 8.51 -7.39 12.10
N GLU A 168 7.22 -7.16 12.33
CA GLU A 168 6.25 -8.20 12.77
C GLU A 168 6.02 -9.21 11.65
N PHE A 169 6.39 -8.91 10.40
CA PHE A 169 6.28 -9.81 9.24
C PHE A 169 7.56 -10.64 9.01
N ALA A 170 8.66 -10.35 9.72
CA ALA A 170 9.87 -11.20 9.72
C ALA A 170 9.50 -12.61 10.20
N ARG A 171 9.94 -13.65 9.47
CA ARG A 171 9.63 -15.08 9.71
C ARG A 171 10.77 -15.78 10.45
N ASP A 172 10.44 -16.65 11.40
CA ASP A 172 11.42 -17.46 12.19
C ASP A 172 11.96 -18.61 11.33
N ASP A 173 11.17 -19.12 10.39
CA ASP A 173 11.50 -20.27 9.48
C ASP A 173 12.31 -19.78 8.25
N LEU A 174 12.90 -18.60 8.31
CA LEU A 174 13.82 -18.07 7.27
C LEU A 174 15.08 -17.60 8.00
N ASP A 175 16.25 -17.91 7.42
CA ASP A 175 17.57 -17.60 8.02
C ASP A 175 18.35 -16.64 7.12
N ILE A 176 17.81 -16.24 5.96
CA ILE A 176 18.34 -15.10 5.14
C ILE A 176 18.04 -13.78 5.84
N PRO A 177 18.84 -12.71 5.63
CA PRO A 177 18.56 -11.42 6.22
C PRO A 177 17.15 -10.93 5.88
N GLN A 178 16.42 -10.48 6.91
CA GLN A 178 15.06 -9.93 6.83
C GLN A 178 15.10 -8.50 7.35
N ILE A 179 14.78 -7.55 6.49
CA ILE A 179 15.00 -6.11 6.75
C ILE A 179 13.61 -5.47 6.69
N ALA A 180 13.26 -4.73 7.73
CA ALA A 180 12.00 -3.97 7.80
C ALA A 180 12.21 -2.63 7.11
N ILE A 181 11.49 -2.36 6.02
CA ILE A 181 11.44 -1.00 5.42
C ILE A 181 9.98 -0.65 5.16
N PRO A 182 9.41 0.29 5.94
CA PRO A 182 8.07 0.79 5.64
C PRO A 182 8.02 1.43 4.26
N PRO A 183 6.91 1.25 3.50
CA PRO A 183 6.65 2.08 2.34
C PRO A 183 6.46 3.56 2.74
N SER A 184 6.23 4.39 1.73
CA SER A 184 6.31 5.85 1.87
C SER A 184 5.42 6.50 0.82
N ILE A 185 5.15 7.78 1.04
CA ILE A 185 4.38 8.58 0.08
C ILE A 185 5.35 9.63 -0.51
N ASP A 186 5.19 9.87 -1.79
CA ASP A 186 5.90 10.98 -2.47
C ASP A 186 5.07 12.24 -2.26
N PRO A 187 5.53 13.19 -1.42
CA PRO A 187 4.77 14.41 -1.17
C PRO A 187 4.56 15.33 -2.39
N LEU A 188 5.26 15.08 -3.51
CA LEU A 188 5.14 15.89 -4.74
C LEU A 188 4.47 15.11 -5.88
N SER A 189 3.93 13.93 -5.62
CA SER A 189 3.19 13.16 -6.65
C SER A 189 1.82 13.82 -6.79
N PRO A 190 1.11 13.56 -7.90
CA PRO A 190 -0.25 14.09 -8.08
C PRO A 190 -1.22 13.65 -6.97
N LYS A 191 -0.97 12.48 -6.37
CA LYS A 191 -1.75 11.87 -5.27
C LYS A 191 -1.67 12.74 -4.02
N ASN A 192 -0.53 13.41 -3.79
CA ASN A 192 -0.20 14.08 -2.51
C ASN A 192 0.06 15.57 -2.63
N MET A 193 0.29 16.12 -3.83
CA MET A 193 0.59 17.57 -4.01
C MET A 193 -0.55 18.45 -3.49
N PRO A 194 -0.24 19.68 -3.01
CA PRO A 194 -1.25 20.67 -2.68
C PRO A 194 -2.14 20.91 -3.91
N LEU A 195 -3.43 21.14 -3.67
CA LEU A 195 -4.40 21.46 -4.75
C LEU A 195 -5.03 22.79 -4.41
N PRO A 196 -5.42 23.58 -5.44
CA PRO A 196 -6.30 24.73 -5.21
C PRO A 196 -7.72 24.31 -4.78
N GLN A 197 -8.32 25.07 -3.86
CA GLN A 197 -9.70 24.88 -3.38
C GLN A 197 -10.64 24.67 -4.58
N THR A 198 -10.43 25.39 -5.67
CA THR A 198 -11.27 25.37 -6.91
C THR A 198 -11.32 23.94 -7.45
N THR A 199 -10.19 23.22 -7.43
CA THR A 199 -10.07 21.85 -7.98
C THR A 199 -10.78 20.85 -7.06
N VAL A 200 -10.52 20.93 -5.75
CA VAL A 200 -11.18 20.07 -4.71
C VAL A 200 -12.69 20.22 -4.89
N ASP A 201 -13.20 21.46 -4.82
CA ASP A 201 -14.63 21.83 -4.94
C ASP A 201 -15.20 21.20 -6.21
N ARG A 202 -14.48 21.31 -7.32
CA ARG A 202 -14.95 20.93 -8.67
C ARG A 202 -15.08 19.41 -8.76
N ILE A 203 -14.15 18.65 -8.16
CA ILE A 203 -14.10 17.17 -8.28
C ILE A 203 -15.13 16.58 -7.32
N VAL A 204 -15.25 17.12 -6.10
CA VAL A 204 -16.21 16.60 -5.07
C VAL A 204 -17.65 16.84 -5.56
N ASP A 205 -17.92 17.99 -6.18
CA ASP A 205 -19.28 18.34 -6.71
C ASP A 205 -19.62 17.41 -7.89
N LYS A 206 -18.64 17.06 -8.72
CA LYS A 206 -18.83 16.18 -9.89
C LYS A 206 -19.45 14.84 -9.47
N PHE A 207 -19.24 14.38 -8.23
CA PHE A 207 -19.77 13.07 -7.74
C PHE A 207 -20.92 13.26 -6.75
N GLY A 208 -21.54 14.45 -6.72
CA GLY A 208 -22.80 14.71 -6.00
C GLY A 208 -22.64 14.72 -4.49
N VAL A 209 -21.40 14.80 -4.01
CA VAL A 209 -21.11 14.91 -2.55
C VAL A 209 -21.23 16.38 -2.17
N ASP A 210 -21.79 16.65 -1.01
CA ASP A 210 -22.07 17.99 -0.43
C ASP A 210 -20.87 18.43 0.43
N ARG A 211 -20.23 19.54 0.06
CA ARG A 211 -19.00 20.02 0.73
C ARG A 211 -19.36 20.75 2.02
N GLU A 212 -20.62 21.11 2.19
CA GLU A 212 -21.09 21.88 3.37
C GLU A 212 -21.32 20.90 4.53
N ARG A 213 -21.29 19.59 4.30
CA ARG A 213 -21.56 18.62 5.39
C ARG A 213 -20.34 17.73 5.60
N PRO A 214 -20.15 17.16 6.80
CA PRO A 214 -18.99 16.30 7.04
C PRO A 214 -18.93 15.13 6.06
N ILE A 215 -17.70 14.83 5.60
CA ILE A 215 -17.37 13.68 4.72
C ILE A 215 -16.52 12.70 5.50
N ILE A 216 -16.98 11.45 5.56
CA ILE A 216 -16.18 10.27 6.01
C ILE A 216 -15.75 9.50 4.77
N LEU A 217 -14.46 9.33 4.58
CA LEU A 217 -13.88 8.74 3.35
C LEU A 217 -13.06 7.51 3.68
N GLN A 218 -13.33 6.39 2.98
CA GLN A 218 -12.34 5.30 2.78
C GLN A 218 -11.96 5.23 1.30
N VAL A 219 -10.67 5.33 1.03
CA VAL A 219 -10.05 5.02 -0.28
C VAL A 219 -9.49 3.60 -0.21
N SER A 220 -10.00 2.70 -1.05
CA SER A 220 -9.57 1.27 -1.12
C SER A 220 -10.39 0.55 -2.21
N ARG A 221 -9.93 -0.63 -2.63
CA ARG A 221 -10.69 -1.53 -3.55
C ARG A 221 -11.87 -2.10 -2.77
N TYR A 222 -12.90 -2.56 -3.48
CA TYR A 222 -14.02 -3.36 -2.92
C TYR A 222 -13.54 -4.81 -2.75
N ASP A 223 -12.60 -5.02 -1.82
CA ASP A 223 -12.02 -6.33 -1.43
C ASP A 223 -12.42 -6.63 0.02
N ARG A 224 -12.63 -7.89 0.38
CA ARG A 224 -12.98 -8.35 1.76
C ARG A 224 -11.94 -7.82 2.76
N ALA A 225 -10.67 -7.75 2.35
CA ALA A 225 -9.54 -7.31 3.20
C ALA A 225 -9.73 -5.85 3.61
N LYS A 226 -10.41 -5.04 2.79
CA LYS A 226 -10.70 -3.61 3.08
C LYS A 226 -12.02 -3.45 3.84
N ASP A 227 -12.86 -4.50 3.82
CA ASP A 227 -14.13 -4.60 4.57
C ASP A 227 -15.05 -3.44 4.26
N PRO A 228 -15.46 -3.24 2.99
CA PRO A 228 -16.42 -2.19 2.63
C PRO A 228 -17.74 -2.33 3.38
N VAL A 229 -18.17 -3.58 3.65
CA VAL A 229 -19.47 -3.88 4.33
C VAL A 229 -19.37 -3.35 5.77
N GLY A 230 -18.33 -3.73 6.50
CA GLY A 230 -18.05 -3.19 7.84
C GLY A 230 -18.00 -1.67 7.85
N VAL A 231 -17.45 -1.02 6.81
CA VAL A 231 -17.34 0.46 6.79
C VAL A 231 -18.74 1.06 6.71
N ILE A 232 -19.60 0.49 5.87
CA ILE A 232 -21.04 0.92 5.77
C ILE A 232 -21.70 0.72 7.13
N GLU A 233 -21.50 -0.43 7.76
CA GLU A 233 -22.05 -0.76 9.11
C GLU A 233 -21.55 0.27 10.13
N SER A 234 -20.24 0.53 10.19
CA SER A 234 -19.67 1.60 11.05
C SER A 234 -20.42 2.92 10.80
N PHE A 235 -20.57 3.28 9.53
CA PHE A 235 -21.21 4.57 9.15
C PHE A 235 -22.68 4.62 9.60
N ARG A 236 -23.42 3.53 9.43
CA ARG A 236 -24.87 3.50 9.78
C ARG A 236 -24.99 3.62 11.30
N LEU A 237 -24.10 3.01 12.09
CA LEU A 237 -24.10 3.18 13.56
C LEU A 237 -23.85 4.66 13.89
N ALA A 238 -22.86 5.29 13.27
CA ALA A 238 -22.50 6.69 13.57
C ALA A 238 -23.62 7.65 13.13
N LYS A 239 -24.24 7.39 11.98
CA LYS A 239 -25.28 8.26 11.37
C LYS A 239 -26.39 8.57 12.38
N ARG A 240 -26.71 7.65 13.29
CA ARG A 240 -27.69 7.88 14.39
C ARG A 240 -27.28 9.13 15.20
N HIS A 241 -25.98 9.37 15.41
CA HIS A 241 -25.49 10.49 16.26
C HIS A 241 -24.94 11.66 15.45
N VAL A 242 -24.58 11.46 14.18
CA VAL A 242 -24.12 12.60 13.31
C VAL A 242 -24.95 12.60 12.02
N PRO A 243 -26.21 13.08 12.09
CA PRO A 243 -27.15 12.97 10.97
C PRO A 243 -26.73 13.61 9.64
N ASP A 244 -25.94 14.70 9.66
CA ASP A 244 -25.39 15.41 8.47
C ASP A 244 -24.26 14.64 7.77
N ALA A 245 -23.62 13.68 8.43
CA ALA A 245 -22.39 13.02 7.92
C ALA A 245 -22.70 12.31 6.61
N GLN A 246 -21.77 12.38 5.66
CA GLN A 246 -21.81 11.58 4.40
C GLN A 246 -20.68 10.57 4.41
N LEU A 247 -20.91 9.42 3.79
CA LEU A 247 -19.87 8.40 3.55
C LEU A 247 -19.54 8.38 2.06
N VAL A 248 -18.24 8.42 1.76
CA VAL A 248 -17.68 8.19 0.40
C VAL A 248 -16.73 7.00 0.51
N TYR A 249 -17.09 5.92 -0.18
CA TYR A 249 -16.20 4.78 -0.46
C TYR A 249 -15.64 4.98 -1.88
N LEU A 250 -14.36 5.34 -1.97
CA LEU A 250 -13.71 5.65 -3.27
C LEU A 250 -12.91 4.42 -3.64
N GLY A 251 -13.45 3.60 -4.56
CA GLY A 251 -12.82 2.36 -5.02
C GLY A 251 -12.39 2.36 -6.47
N SER A 252 -11.90 1.20 -6.93
CA SER A 252 -11.50 0.86 -8.32
C SER A 252 -12.15 -0.48 -8.70
N PRO A 253 -12.63 -0.66 -9.96
CA PRO A 253 -13.38 -1.86 -10.34
C PRO A 253 -12.73 -3.20 -9.94
N ASP A 257 -11.94 -8.85 -10.36
CA ASP A 257 -12.17 -10.25 -9.91
C ASP A 257 -13.66 -10.43 -9.65
N PRO A 258 -14.24 -11.63 -9.90
CA PRO A 258 -15.66 -11.89 -9.66
C PRO A 258 -16.03 -11.78 -8.17
N GLU A 259 -15.09 -12.10 -7.27
CA GLU A 259 -15.23 -11.90 -5.80
C GLU A 259 -15.48 -10.41 -5.51
N GLY A 260 -14.71 -9.52 -6.15
N GLY A 260 -14.71 -9.52 -6.15
CA GLY A 260 -14.79 -8.06 -6.01
CA GLY A 260 -14.79 -8.06 -6.01
C GLY A 260 -16.14 -7.51 -6.46
C GLY A 260 -16.14 -7.51 -6.46
N GLU A 261 -16.66 -8.02 -7.57
CA GLU A 261 -18.00 -7.64 -8.11
C GLU A 261 -19.10 -8.00 -7.09
N VAL A 262 -18.93 -9.09 -6.34
CA VAL A 262 -19.87 -9.54 -5.27
C VAL A 262 -19.74 -8.60 -4.06
N VAL A 263 -18.50 -8.29 -3.67
CA VAL A 263 -18.23 -7.35 -2.54
C VAL A 263 -18.97 -6.04 -2.84
N TYR A 264 -18.70 -5.42 -3.99
CA TYR A 264 -19.38 -4.16 -4.41
C TYR A 264 -20.88 -4.36 -4.23
N ARG A 265 -21.37 -5.49 -4.77
CA ARG A 265 -22.80 -5.88 -4.73
C ARG A 265 -23.27 -5.85 -3.27
N GLU A 266 -22.60 -6.60 -2.38
CA GLU A 266 -22.95 -6.66 -0.93
C GLU A 266 -22.90 -5.25 -0.32
N THR A 267 -21.99 -4.40 -0.80
CA THR A 267 -21.79 -3.03 -0.26
C THR A 267 -23.02 -2.19 -0.62
N VAL A 268 -23.44 -2.22 -1.89
CA VAL A 268 -24.68 -1.52 -2.35
C VAL A 268 -25.85 -2.00 -1.50
N GLU A 269 -25.89 -3.31 -1.21
CA GLU A 269 -26.99 -3.95 -0.43
C GLU A 269 -26.93 -3.42 1.00
N ALA A 270 -25.76 -3.50 1.65
CA ALA A 270 -25.60 -3.06 3.06
C ALA A 270 -25.91 -1.56 3.15
N ALA A 271 -25.74 -0.82 2.05
CA ALA A 271 -25.94 0.65 1.96
C ALA A 271 -27.41 1.00 1.67
N ARG A 272 -28.21 0.05 1.18
CA ARG A 272 -29.61 0.26 0.74
C ARG A 272 -30.43 0.88 1.89
N GLY A 273 -31.07 2.03 1.63
CA GLY A 273 -31.82 2.82 2.62
C GLY A 273 -31.07 4.06 3.13
N GLU A 274 -29.83 4.31 2.66
CA GLU A 274 -29.05 5.53 3.01
C GLU A 274 -28.77 6.35 1.73
N LYS A 275 -29.37 7.54 1.61
CA LYS A 275 -29.09 8.51 0.51
C LYS A 275 -27.61 8.94 0.57
N ASP A 276 -27.08 9.16 1.79
CA ASP A 276 -25.79 9.86 2.09
C ASP A 276 -24.60 8.90 2.06
N VAL A 277 -24.76 7.75 1.44
CA VAL A 277 -23.65 6.79 1.18
C VAL A 277 -23.32 6.90 -0.31
N HIS A 278 -22.07 7.21 -0.65
CA HIS A 278 -21.57 7.32 -2.03
C HIS A 278 -20.51 6.25 -2.26
N LEU A 279 -20.88 5.18 -2.97
CA LEU A 279 -19.97 4.10 -3.38
C LEU A 279 -19.43 4.47 -4.75
N LEU A 280 -18.24 5.07 -4.82
CA LEU A 280 -17.66 5.57 -6.08
C LEU A 280 -16.74 4.51 -6.66
N MET A 281 -16.60 4.57 -7.97
CA MET A 281 -15.93 3.55 -8.81
C MET A 281 -15.08 4.29 -9.84
N LEU A 282 -13.90 4.74 -9.46
CA LEU A 282 -13.04 5.62 -10.30
C LEU A 282 -12.09 4.75 -11.10
N PRO A 283 -11.76 5.14 -12.35
CA PRO A 283 -10.74 4.42 -13.12
C PRO A 283 -9.42 4.40 -12.35
N PRO A 284 -8.53 3.43 -12.63
CA PRO A 284 -7.18 3.48 -12.06
C PRO A 284 -6.44 4.75 -12.52
N ASN A 285 -5.49 5.21 -11.72
CA ASN A 285 -4.65 6.43 -11.99
C ASN A 285 -5.50 7.70 -11.93
N SER A 286 -6.56 7.71 -11.12
CA SER A 286 -7.39 8.92 -10.82
C SER A 286 -6.79 9.63 -9.60
N HIS A 287 -5.48 9.86 -9.65
CA HIS A 287 -4.67 10.31 -8.50
C HIS A 287 -5.20 11.65 -7.99
N VAL A 288 -5.43 12.62 -8.89
CA VAL A 288 -5.89 13.99 -8.50
C VAL A 288 -7.27 13.87 -7.82
N GLU A 289 -8.12 12.94 -8.27
CA GLU A 289 -9.49 12.78 -7.71
C GLU A 289 -9.35 12.22 -6.29
N VAL A 290 -8.45 11.26 -6.09
CA VAL A 290 -8.19 10.70 -4.74
C VAL A 290 -7.66 11.82 -3.83
N ASN A 291 -6.71 12.61 -4.33
CA ASN A 291 -6.16 13.78 -3.62
C ASN A 291 -7.34 14.65 -3.15
N ALA A 292 -8.20 15.07 -4.08
CA ALA A 292 -9.27 16.05 -3.78
C ALA A 292 -10.18 15.47 -2.67
N PHE A 293 -10.57 14.20 -2.79
CA PHE A 293 -11.48 13.56 -1.80
C PHE A 293 -10.77 13.53 -0.44
N GLN A 294 -9.49 13.17 -0.41
CA GLN A 294 -8.74 13.11 0.88
C GLN A 294 -8.68 14.51 1.50
N ARG A 295 -8.52 15.57 0.72
CA ARG A 295 -8.51 16.97 1.21
C ARG A 295 -9.91 17.42 1.64
N ALA A 296 -10.99 16.99 0.98
CA ALA A 296 -12.36 17.36 1.38
C ALA A 296 -12.84 16.58 2.62
N ALA A 297 -12.19 15.47 2.98
CA ALA A 297 -12.67 14.58 4.05
C ALA A 297 -12.55 15.31 5.40
N THR A 298 -13.47 15.02 6.32
CA THR A 298 -13.36 15.42 7.74
C THR A 298 -12.56 14.35 8.49
N VAL A 299 -12.86 13.10 8.23
CA VAL A 299 -12.22 11.94 8.87
C VAL A 299 -12.02 10.91 7.77
N VAL A 300 -10.91 10.20 7.84
CA VAL A 300 -10.61 9.08 6.92
C VAL A 300 -10.62 7.76 7.70
N MET A 301 -11.15 6.73 7.08
CA MET A 301 -11.12 5.35 7.60
C MET A 301 -10.20 4.57 6.67
N GLN A 302 -9.52 3.58 7.26
CA GLN A 302 -8.87 2.46 6.53
C GLN A 302 -9.09 1.21 7.37
N LYS A 303 -10.33 0.71 7.38
CA LYS A 303 -10.79 -0.31 8.36
C LYS A 303 -10.48 -1.70 7.81
N SER A 304 -9.22 -1.92 7.48
CA SER A 304 -8.74 -3.18 6.86
C SER A 304 -8.79 -4.32 7.90
N ILE A 305 -9.09 -5.51 7.43
CA ILE A 305 -9.01 -6.76 8.24
C ILE A 305 -7.57 -7.26 8.21
N LYS A 306 -6.92 -7.13 7.05
CA LYS A 306 -5.48 -7.39 6.83
C LYS A 306 -4.88 -6.29 5.95
N GLU A 307 -3.69 -5.83 6.29
CA GLU A 307 -3.02 -4.77 5.52
C GLU A 307 -1.51 -4.85 5.78
N GLY A 308 -0.74 -5.13 4.74
CA GLY A 308 0.73 -5.05 4.86
C GLY A 308 1.15 -3.67 5.34
N PHE A 309 0.61 -2.60 4.73
CA PHE A 309 0.93 -1.23 5.19
C PHE A 309 -0.27 -0.28 5.09
N GLY A 310 -0.75 -0.03 3.89
CA GLY A 310 -1.88 0.89 3.67
C GLY A 310 -1.40 2.31 3.51
N LEU A 311 -0.90 2.60 2.32
CA LEU A 311 -0.41 3.93 1.89
C LEU A 311 -1.49 4.99 2.08
N THR A 312 -2.74 4.62 1.90
CA THR A 312 -3.93 5.51 2.05
C THR A 312 -3.93 6.12 3.45
N VAL A 313 -3.30 5.46 4.43
CA VAL A 313 -3.31 6.00 5.81
C VAL A 313 -2.34 7.18 5.82
N SER A 314 -1.11 6.96 5.41
CA SER A 314 -0.08 8.03 5.37
C SER A 314 -0.56 9.16 4.47
N GLU A 315 -1.27 8.85 3.37
CA GLU A 315 -1.80 9.89 2.45
C GLU A 315 -2.74 10.81 3.24
N ALA A 316 -3.65 10.21 4.01
CA ALA A 316 -4.67 10.95 4.80
C ALA A 316 -3.97 11.75 5.90
N LEU A 317 -3.04 11.15 6.62
CA LEU A 317 -2.33 11.83 7.74
C LEU A 317 -1.56 13.04 7.18
N TRP A 318 -0.84 12.85 6.06
CA TRP A 318 -0.12 13.95 5.37
C TRP A 318 -1.06 15.14 5.11
N LYS A 319 -2.31 14.92 4.70
CA LYS A 319 -3.29 16.02 4.45
C LYS A 319 -3.98 16.44 5.75
N ARG A 320 -3.42 16.07 6.91
CA ARG A 320 -3.89 16.53 8.25
C ARG A 320 -5.28 15.95 8.54
N LYS A 321 -5.53 14.70 8.15
CA LYS A 321 -6.83 14.06 8.44
C LYS A 321 -6.59 12.94 9.43
N PRO A 322 -7.32 12.93 10.55
CA PRO A 322 -7.28 11.80 11.47
C PRO A 322 -7.78 10.55 10.73
N VAL A 323 -7.17 9.41 11.04
CA VAL A 323 -7.57 8.11 10.45
C VAL A 323 -8.06 7.16 11.54
N ILE A 324 -9.19 6.53 11.28
CA ILE A 324 -9.67 5.34 12.03
C ILE A 324 -9.18 4.13 11.24
N GLY A 325 -8.22 3.42 11.83
CA GLY A 325 -7.51 2.32 11.17
C GLY A 325 -7.90 1.00 11.79
N GLY A 326 -8.00 -0.04 10.97
CA GLY A 326 -8.09 -1.43 11.42
C GLY A 326 -6.84 -1.80 12.20
N ASN A 327 -7.00 -2.42 13.36
CA ASN A 327 -5.89 -2.73 14.29
C ASN A 327 -5.13 -3.94 13.76
N THR A 328 -4.40 -3.78 12.66
CA THR A 328 -3.72 -4.89 11.95
C THR A 328 -2.53 -4.34 11.15
N GLY A 329 -1.49 -5.15 11.04
CA GLY A 329 -0.39 -5.00 10.08
C GLY A 329 0.26 -3.63 10.22
N GLY A 330 0.64 -3.05 9.08
CA GLY A 330 1.39 -1.78 9.04
C GLY A 330 0.49 -0.60 9.38
N ILE A 331 -0.82 -0.78 9.54
CA ILE A 331 -1.69 0.34 10.01
C ILE A 331 -1.22 0.79 11.39
N ARG A 332 -0.65 -0.13 12.18
CA ARG A 332 -0.35 0.10 13.62
CA ARG A 332 -0.35 0.10 13.62
C ARG A 332 0.85 1.05 13.78
N ILE A 333 1.80 1.05 12.84
CA ILE A 333 2.93 2.04 12.90
C ILE A 333 2.48 3.41 12.37
N GLN A 334 1.39 3.51 11.61
CA GLN A 334 0.97 4.80 11.01
C GLN A 334 -0.05 5.48 11.94
N VAL A 335 -0.97 4.70 12.48
CA VAL A 335 -2.00 5.21 13.42
C VAL A 335 -1.51 4.99 14.85
N ILE A 336 -1.11 6.06 15.51
CA ILE A 336 -0.74 6.06 16.95
C ILE A 336 -2.01 6.39 17.75
N ASN A 337 -2.51 5.42 18.50
CA ASN A 337 -3.85 5.48 19.14
C ASN A 337 -3.97 6.75 19.98
N GLY A 338 -4.98 7.56 19.71
CA GLY A 338 -5.26 8.82 20.43
C GLY A 338 -4.39 9.95 19.92
N VAL A 339 -3.43 9.70 19.00
CA VAL A 339 -2.46 10.75 18.58
C VAL A 339 -2.62 11.09 17.10
N THR A 340 -2.51 10.10 16.21
CA THR A 340 -2.68 10.31 14.74
C THR A 340 -4.02 9.73 14.28
N GLY A 341 -4.71 8.99 15.15
CA GLY A 341 -6.02 8.39 14.84
C GLY A 341 -6.41 7.41 15.93
N PHE A 342 -7.31 6.47 15.61
CA PHE A 342 -7.71 5.38 16.52
C PHE A 342 -7.61 4.07 15.77
N LEU A 343 -7.03 3.05 16.40
CA LEU A 343 -7.04 1.64 15.95
C LEU A 343 -8.29 0.95 16.52
N VAL A 344 -9.01 0.20 15.69
CA VAL A 344 -10.32 -0.39 16.08
C VAL A 344 -10.35 -1.85 15.65
N ASP A 345 -11.11 -2.66 16.38
CA ASP A 345 -11.21 -4.12 16.12
C ASP A 345 -12.60 -4.48 15.57
N SER A 346 -13.53 -3.54 15.48
CA SER A 346 -14.93 -3.84 15.12
C SER A 346 -15.56 -2.62 14.50
N PRO A 347 -16.62 -2.81 13.69
CA PRO A 347 -17.46 -1.70 13.24
C PRO A 347 -18.01 -0.80 14.36
N LYS A 348 -18.40 -1.38 15.48
CA LYS A 348 -18.94 -0.65 16.65
C LYS A 348 -17.93 0.39 17.17
N ALA A 349 -16.69 -0.04 17.41
CA ALA A 349 -15.60 0.81 17.92
C ALA A 349 -15.24 1.84 16.83
N ALA A 350 -15.25 1.47 15.54
CA ALA A 350 -15.06 2.45 14.45
C ALA A 350 -16.10 3.56 14.59
N ALA A 351 -17.36 3.18 14.82
CA ALA A 351 -18.53 4.10 14.87
C ALA A 351 -18.33 5.05 16.04
N TYR A 352 -17.99 4.49 17.18
CA TYR A 352 -17.68 5.23 18.42
C TYR A 352 -16.66 6.34 18.13
N TYR A 353 -15.60 6.01 17.40
CA TYR A 353 -14.51 7.00 17.18
C TYR A 353 -14.86 7.99 16.07
N LEU A 354 -15.65 7.55 15.07
CA LEU A 354 -16.18 8.47 14.04
C LEU A 354 -16.95 9.59 14.75
N VAL A 355 -17.88 9.23 15.62
CA VAL A 355 -18.72 10.18 16.41
C VAL A 355 -17.81 11.03 17.30
N TYR A 356 -16.87 10.41 18.01
CA TYR A 356 -15.94 11.19 18.85
C TYR A 356 -15.26 12.28 17.98
N LEU A 357 -14.68 11.90 16.83
CA LEU A 357 -13.87 12.85 16.04
C LEU A 357 -14.80 13.88 15.38
N LEU A 358 -15.99 13.50 14.91
CA LEU A 358 -16.87 14.48 14.20
C LEU A 358 -17.37 15.53 15.19
N LYS A 359 -17.46 15.18 16.47
CA LYS A 359 -17.96 16.12 17.51
C LYS A 359 -16.82 16.87 18.19
N ASN A 360 -15.54 16.55 17.94
CA ASN A 360 -14.44 17.24 18.68
C ASN A 360 -13.45 17.88 17.68
N LYS A 361 -13.82 19.01 17.08
CA LYS A 361 -13.07 19.71 16.02
C LYS A 361 -11.62 20.01 16.43
N LYS A 362 -11.41 20.59 17.60
CA LYS A 362 -10.04 20.95 18.06
C LYS A 362 -9.19 19.68 18.12
N VAL A 363 -9.73 18.57 18.63
CA VAL A 363 -9.00 17.28 18.73
C VAL A 363 -8.65 16.77 17.32
N ARG A 364 -9.63 16.76 16.40
CA ARG A 364 -9.43 16.41 14.97
C ARG A 364 -8.26 17.18 14.39
N GLU A 365 -8.30 18.51 14.49
CA GLU A 365 -7.26 19.41 13.88
C GLU A 365 -5.91 19.09 14.48
N GLU A 366 -5.86 18.85 15.78
CA GLU A 366 -4.61 18.54 16.54
C GLU A 366 -4.09 17.15 16.13
N MET A 367 -4.97 16.19 15.89
CA MET A 367 -4.53 14.85 15.48
C MET A 367 -4.01 14.93 14.03
N GLY A 368 -4.65 15.77 13.22
CA GLY A 368 -4.22 16.05 11.84
C GLY A 368 -2.81 16.58 11.78
N GLU A 369 -2.47 17.56 12.62
CA GLU A 369 -1.08 18.14 12.71
C GLU A 369 -0.13 17.03 13.21
N ALA A 370 -0.53 16.24 14.21
CA ALA A 370 0.34 15.17 14.72
C ALA A 370 0.52 14.15 13.59
N GLY A 371 -0.53 13.93 12.77
CA GLY A 371 -0.54 12.98 11.64
C GLY A 371 0.46 13.35 10.57
N ARG A 372 0.38 14.59 10.08
CA ARG A 372 1.33 15.16 9.11
C ARG A 372 2.75 15.12 9.67
N ASP A 373 2.95 15.49 10.93
CA ASP A 373 4.31 15.43 11.53
C ASP A 373 4.83 13.98 11.56
N HIS A 374 3.98 12.98 11.85
CA HIS A 374 4.41 11.57 11.95
C HIS A 374 4.89 11.03 10.59
N VAL A 375 4.14 11.35 9.54
CA VAL A 375 4.50 11.03 8.14
C VAL A 375 5.79 11.76 7.75
N ARG A 376 5.92 13.06 8.02
CA ARG A 376 7.15 13.81 7.66
C ARG A 376 8.37 13.06 8.23
N ARG A 377 8.31 12.60 9.48
CA ARG A 377 9.51 12.03 10.15
C ARG A 377 9.75 10.57 9.73
N ASN A 378 8.74 9.86 9.18
CA ASN A 378 8.79 8.38 9.06
C ASN A 378 8.42 7.83 7.69
N PHE A 379 7.52 8.47 6.92
CA PHE A 379 6.87 7.80 5.75
C PHE A 379 6.89 8.68 4.49
N LEU A 380 7.87 9.58 4.37
CA LEU A 380 8.12 10.28 3.07
C LEU A 380 9.11 9.45 2.25
N ILE A 381 9.00 9.53 0.92
CA ILE A 381 9.78 8.69 -0.05
C ILE A 381 11.30 8.78 0.23
N THR A 382 11.79 9.92 0.70
CA THR A 382 13.25 10.12 0.92
C THR A 382 13.75 9.14 1.99
N GLN A 383 12.94 8.87 3.00
CA GLN A 383 13.24 7.89 4.08
C GLN A 383 13.28 6.48 3.46
N GLN A 384 12.28 6.12 2.68
CA GLN A 384 12.24 4.78 2.03
C GLN A 384 13.45 4.63 1.11
N LEU A 385 13.78 5.68 0.33
CA LEU A 385 14.90 5.67 -0.66
C LEU A 385 16.26 5.47 0.06
N ARG A 386 16.49 6.20 1.14
CA ARG A 386 17.72 6.10 1.95
C ARG A 386 17.89 4.66 2.43
N ARG A 387 16.84 4.10 3.03
CA ARG A 387 16.86 2.73 3.60
C ARG A 387 17.01 1.69 2.50
N TYR A 388 16.41 1.92 1.34
CA TYR A 388 16.52 1.01 0.17
C TYR A 388 17.99 0.97 -0.31
N LEU A 389 18.61 2.14 -0.49
CA LEU A 389 20.05 2.28 -0.86
C LEU A 389 20.95 1.58 0.18
N MET A 390 20.67 1.78 1.47
CA MET A 390 21.43 1.18 2.60
C MET A 390 21.34 -0.35 2.54
N ALA A 391 20.14 -0.89 2.28
CA ALA A 391 19.91 -2.34 2.12
C ALA A 391 20.71 -2.89 0.92
N ILE A 392 20.66 -2.22 -0.22
CA ILE A 392 21.41 -2.71 -1.41
C ILE A 392 22.89 -2.77 -1.02
N LEU A 393 23.43 -1.67 -0.52
CA LEU A 393 24.86 -1.55 -0.11
C LEU A 393 25.22 -2.69 0.83
N TYR A 394 24.41 -2.94 1.85
CA TYR A 394 24.65 -4.00 2.88
C TYR A 394 24.64 -5.39 2.26
N LEU A 395 23.62 -5.67 1.45
CA LEU A 395 23.43 -7.05 0.92
C LEU A 395 24.39 -7.32 -0.24
N THR A 396 24.71 -6.34 -1.09
CA THR A 396 25.67 -6.56 -2.21
C THR A 396 27.09 -6.72 -1.66
N LYS A 397 27.39 -6.23 -0.45
CA LYS A 397 28.77 -6.36 0.15
C LYS A 397 28.93 -7.75 0.78
N ARG A 398 27.83 -8.40 1.15
CA ARG A 398 27.80 -9.82 1.59
C ARG A 398 27.80 -10.75 0.36
N HIS A 399 27.36 -10.25 -0.81
CA HIS A 399 27.34 -10.90 -2.15
C HIS A 399 26.16 -11.88 -2.27
S SCN B . -9.68 -11.06 2.73
C SCN B . -9.24 -10.64 4.19
N SCN B . -8.87 -10.33 5.25
S SCN C . -5.87 -26.12 0.42
C SCN C . -4.77 -26.88 1.26
N SCN C . -3.95 -27.45 1.90
#